data_5NM6
#
_entry.id   5NM6
#
_cell.length_a   38.943
_cell.length_b   60.274
_cell.length_c   54.145
_cell.angle_alpha   90.00
_cell.angle_beta   92.47
_cell.angle_gamma   90.00
#
_symmetry.space_group_name_H-M   'P 1 21 1'
#
loop_
_entity.id
_entity.type
_entity.pdbx_description
1 polymer Galectin
2 water water
#
_entity_poly.entity_id   1
_entity_poly.type   'polypeptide(L)'
_entity_poly.pdbx_seq_one_letter_code
;MALRFEALYPEGMCPGWSVVVKGKTSSNTSMFEINFLSHPGDQIAFHFNPRFASSRIVCNSFLANHWGKEEVNKTFPFEA
KEPFQVEIYSDQDYFHIFIDENKILQYKHRQKQLSSITKLQILNDIEISSVEITKRGLY
;
_entity_poly.pdbx_strand_id   A,B
#
# COMPACT_ATOMS: atom_id res chain seq x y z
N ALA A 2 -6.14 2.70 11.67
CA ALA A 2 -6.27 3.16 13.05
C ALA A 2 -5.55 2.21 14.01
N LEU A 3 -5.25 2.69 15.20
CA LEU A 3 -4.63 1.86 16.21
C LEU A 3 -5.63 0.82 16.71
N ARG A 4 -5.26 -0.46 16.63
CA ARG A 4 -6.10 -1.53 17.16
C ARG A 4 -5.64 -2.03 18.52
N PHE A 5 -4.35 -2.00 18.80
CA PHE A 5 -3.86 -2.50 20.08
C PHE A 5 -2.47 -1.95 20.30
N GLU A 6 -2.15 -1.63 21.55
CA GLU A 6 -0.78 -1.28 21.91
C GLU A 6 -0.48 -1.81 23.29
N ALA A 7 0.71 -2.35 23.47
CA ALA A 7 1.16 -2.78 24.79
C ALA A 7 2.50 -2.13 25.11
N LEU A 8 2.70 -1.83 26.39
CA LEU A 8 3.90 -1.18 26.87
C LEU A 8 4.43 -1.98 28.05
N TYR A 9 5.70 -2.36 27.98
CA TYR A 9 6.40 -3.07 29.04
C TYR A 9 7.71 -2.34 29.23
N PRO A 10 7.79 -1.43 30.21
CA PRO A 10 8.94 -0.52 30.31
C PRO A 10 10.28 -1.18 30.55
N GLU A 11 10.30 -2.41 31.08
CA GLU A 11 11.56 -3.13 31.27
C GLU A 11 12.14 -3.66 29.96
N GLY A 12 11.47 -3.44 28.82
CA GLY A 12 11.96 -3.91 27.54
C GLY A 12 11.45 -5.30 27.20
N MET A 13 10.66 -5.42 26.13
CA MET A 13 10.11 -6.69 25.69
CA MET A 13 10.14 -6.72 25.72
C MET A 13 10.95 -7.33 24.58
N CYS A 14 12.27 -7.10 24.59
CA CYS A 14 13.19 -7.62 23.59
CA CYS A 14 13.19 -7.61 23.59
C CYS A 14 14.58 -7.62 24.22
N PRO A 15 15.40 -8.67 24.00
CA PRO A 15 14.98 -9.89 23.30
C PRO A 15 14.36 -10.86 24.29
N GLY A 16 14.04 -12.07 23.83
CA GLY A 16 13.58 -13.11 24.75
C GLY A 16 12.12 -13.03 25.12
N TRP A 17 11.29 -12.46 24.26
CA TRP A 17 9.85 -12.42 24.49
C TRP A 17 9.15 -12.89 23.23
N SER A 18 8.03 -13.58 23.42
CA SER A 18 7.14 -13.97 22.34
C SER A 18 5.90 -13.09 22.36
N VAL A 19 5.45 -12.72 21.18
CA VAL A 19 4.18 -12.02 21.00
C VAL A 19 3.35 -12.87 20.06
N VAL A 20 2.15 -13.24 20.51
CA VAL A 20 1.23 -14.07 19.73
C VAL A 20 -0.02 -13.25 19.49
N VAL A 21 -0.33 -13.02 18.21
CA VAL A 21 -1.48 -12.23 17.79
C VAL A 21 -2.43 -13.14 17.02
N LYS A 22 -3.68 -13.20 17.45
CA LYS A 22 -4.71 -13.93 16.74
C LYS A 22 -5.79 -12.96 16.29
N GLY A 23 -6.33 -13.19 15.10
CA GLY A 23 -7.35 -12.33 14.56
C GLY A 23 -7.60 -12.66 13.10
N LYS A 24 -8.37 -11.81 12.45
CA LYS A 24 -8.63 -11.94 11.02
C LYS A 24 -8.82 -10.57 10.41
N THR A 25 -8.65 -10.46 9.10
CA THR A 25 -8.92 -9.20 8.45
C THR A 25 -10.40 -9.05 8.17
N SER A 26 -10.85 -7.80 8.07
CA SER A 26 -12.22 -7.50 7.69
CA SER A 26 -12.23 -7.53 7.69
CA SER A 26 -12.23 -7.53 7.69
C SER A 26 -12.40 -7.42 6.18
N SER A 27 -11.35 -7.05 5.46
CA SER A 27 -11.39 -6.83 4.03
C SER A 27 -10.52 -7.86 3.32
N ASN A 28 -10.81 -8.06 2.02
CA ASN A 28 -9.99 -8.92 1.18
C ASN A 28 -8.75 -8.23 0.66
N THR A 29 -8.69 -6.89 0.69
CA THR A 29 -7.66 -6.17 -0.05
C THR A 29 -7.05 -5.00 0.72
N SER A 30 -7.11 -5.02 2.06
CA SER A 30 -6.44 -3.98 2.83
C SER A 30 -5.14 -4.55 3.38
N MET A 31 -4.72 -4.09 4.56
CA MET A 31 -3.45 -4.50 5.14
C MET A 31 -3.48 -4.19 6.63
N PHE A 32 -2.58 -4.84 7.37
CA PHE A 32 -2.39 -4.53 8.77
C PHE A 32 -0.90 -4.53 9.05
N GLU A 33 -0.53 -4.06 10.23
CA GLU A 33 0.87 -4.10 10.59
C GLU A 33 1.03 -4.31 12.09
N ILE A 34 2.15 -4.95 12.44
CA ILE A 34 2.60 -5.12 13.81
C ILE A 34 3.96 -4.42 13.89
N ASN A 35 4.05 -3.40 14.76
CA ASN A 35 5.29 -2.66 14.93
C ASN A 35 5.83 -2.85 16.35
N PHE A 36 7.16 -3.01 16.44
CA PHE A 36 7.86 -2.97 17.71
C PHE A 36 8.53 -1.61 17.84
N LEU A 37 8.24 -0.89 18.92
CA LEU A 37 8.64 0.50 19.05
C LEU A 37 9.66 0.68 20.17
N SER A 38 10.67 1.51 19.91
CA SER A 38 11.73 1.76 20.86
C SER A 38 11.57 3.10 21.57
N HIS A 39 12.01 3.14 22.82
CA HIS A 39 12.00 4.29 23.71
C HIS A 39 13.39 4.92 23.76
N PRO A 40 13.48 6.25 23.72
CA PRO A 40 12.31 7.13 23.62
C PRO A 40 11.85 7.43 22.20
N GLY A 41 10.63 7.94 22.08
CA GLY A 41 10.11 8.45 20.84
C GLY A 41 9.21 7.51 20.05
N ASP A 42 8.90 6.32 20.59
CA ASP A 42 8.08 5.33 19.88
C ASP A 42 8.64 5.04 18.48
N GLN A 43 9.96 4.87 18.39
CA GLN A 43 10.61 4.73 17.09
C GLN A 43 10.43 3.32 16.55
N ILE A 44 10.26 3.21 15.23
CA ILE A 44 9.86 1.93 14.63
C ILE A 44 11.08 1.05 14.39
N ALA A 45 11.39 0.21 15.39
CA ALA A 45 12.53 -0.71 15.29
C ALA A 45 12.25 -1.85 14.33
N PHE A 46 11.00 -2.32 14.28
CA PHE A 46 10.64 -3.42 13.41
C PHE A 46 9.18 -3.26 13.01
N HIS A 47 8.93 -3.34 11.72
CA HIS A 47 7.64 -3.10 11.10
C HIS A 47 7.32 -4.33 10.25
N PHE A 48 6.21 -5.01 10.56
CA PHE A 48 5.80 -6.25 9.88
C PHE A 48 4.45 -5.96 9.27
N ASN A 49 4.35 -5.98 7.94
CA ASN A 49 3.20 -5.42 7.23
C ASN A 49 2.68 -6.38 6.17
N PRO A 50 1.77 -7.29 6.54
CA PRO A 50 1.08 -8.10 5.53
C PRO A 50 0.09 -7.26 4.73
N ARG A 51 0.25 -7.28 3.40
CA ARG A 51 -0.53 -6.45 2.49
C ARG A 51 -1.31 -7.38 1.57
N PHE A 52 -2.63 -7.39 1.75
CA PHE A 52 -3.49 -8.39 1.10
C PHE A 52 -3.85 -8.04 -0.34
N ALA A 53 -3.76 -6.78 -0.74
CA ALA A 53 -4.08 -6.44 -2.13
C ALA A 53 -3.07 -7.05 -3.10
N SER A 54 -1.78 -6.99 -2.77
CA SER A 54 -0.78 -7.64 -3.62
C SER A 54 -0.32 -8.98 -3.09
N SER A 55 -0.70 -9.35 -1.88
CA SER A 55 -0.23 -10.60 -1.28
C SER A 55 1.29 -10.57 -1.06
N ARG A 56 1.75 -9.50 -0.41
CA ARG A 56 3.16 -9.36 -0.06
C ARG A 56 3.30 -8.97 1.41
N ILE A 57 4.32 -9.51 2.08
CA ILE A 57 4.70 -9.08 3.41
C ILE A 57 5.91 -8.17 3.29
N VAL A 58 5.79 -6.95 3.79
CA VAL A 58 6.89 -6.00 3.83
C VAL A 58 7.38 -5.90 5.27
N CYS A 59 8.69 -6.04 5.47
CA CYS A 59 9.34 -5.77 6.75
C CYS A 59 10.37 -4.67 6.57
N ASN A 60 10.50 -3.81 7.59
CA ASN A 60 11.41 -2.67 7.50
C ASN A 60 11.61 -2.08 8.90
N SER A 61 12.48 -1.09 8.99
CA SER A 61 12.67 -0.31 10.21
C SER A 61 12.77 1.15 9.80
N PHE A 62 12.38 2.03 10.71
CA PHE A 62 12.60 3.47 10.54
C PHE A 62 13.73 3.89 11.47
N LEU A 63 14.90 4.10 10.90
CA LEU A 63 16.10 4.42 11.66
C LEU A 63 16.87 5.49 10.90
N ALA A 64 17.63 6.30 11.63
CA ALA A 64 18.40 7.38 11.03
C ALA A 64 17.51 8.22 10.09
N ASN A 65 16.28 8.48 10.54
CA ASN A 65 15.36 9.43 9.94
C ASN A 65 14.71 8.97 8.64
N HIS A 66 14.81 7.69 8.28
CA HIS A 66 14.18 7.24 7.05
C HIS A 66 13.87 5.74 7.14
N TRP A 67 12.90 5.31 6.35
CA TRP A 67 12.68 3.88 6.16
C TRP A 67 13.90 3.26 5.47
N GLY A 68 14.35 2.12 5.97
CA GLY A 68 15.47 1.42 5.39
C GLY A 68 15.07 0.63 4.16
N LYS A 69 15.92 -0.31 3.78
CA LYS A 69 15.60 -1.15 2.64
C LYS A 69 14.47 -2.13 2.99
N GLU A 70 13.41 -2.13 2.19
CA GLU A 70 12.28 -3.03 2.41
C GLU A 70 12.70 -4.47 2.15
N GLU A 71 12.38 -5.36 3.09
CA GLU A 71 12.53 -6.80 2.88
C GLU A 71 11.14 -7.37 2.56
N VAL A 72 10.95 -7.76 1.31
CA VAL A 72 9.66 -8.26 0.82
C VAL A 72 9.75 -9.78 0.80
N ASN A 73 8.86 -10.43 1.53
CA ASN A 73 8.97 -11.88 1.70
C ASN A 73 8.60 -12.60 0.41
N LYS A 74 9.24 -13.77 0.22
CA LYS A 74 9.06 -14.51 -1.02
C LYS A 74 7.66 -15.14 -1.12
N THR A 75 7.00 -15.36 0.02
CA THR A 75 5.71 -16.03 0.05
C THR A 75 4.72 -15.21 0.87
N PHE A 76 3.44 -15.53 0.72
CA PHE A 76 2.38 -14.84 1.44
C PHE A 76 1.38 -15.88 1.92
N PRO A 77 1.56 -16.42 3.12
CA PRO A 77 0.72 -17.53 3.58
C PRO A 77 -0.62 -17.12 4.16
N PHE A 78 -0.91 -15.82 4.24
CA PHE A 78 -2.13 -15.37 4.87
C PHE A 78 -3.32 -15.46 3.91
N GLU A 79 -4.50 -15.71 4.49
CA GLU A 79 -5.77 -15.62 3.78
C GLU A 79 -6.64 -14.59 4.50
N ALA A 80 -7.27 -13.71 3.72
CA ALA A 80 -8.13 -12.66 4.27
C ALA A 80 -9.41 -13.25 4.83
N LYS A 81 -9.98 -12.53 5.81
CA LYS A 81 -11.28 -12.86 6.39
C LYS A 81 -11.32 -14.27 7.02
N GLU A 82 -10.17 -14.75 7.49
CA GLU A 82 -10.08 -16.05 8.13
C GLU A 82 -9.14 -15.94 9.32
N PRO A 83 -9.48 -16.57 10.45
CA PRO A 83 -8.60 -16.49 11.63
C PRO A 83 -7.19 -16.96 11.34
N PHE A 84 -6.23 -16.26 11.93
CA PHE A 84 -4.83 -16.65 11.87
C PHE A 84 -4.19 -16.45 13.24
N GLN A 85 -3.02 -17.06 13.40
CA GLN A 85 -2.22 -16.94 14.60
C GLN A 85 -0.79 -16.64 14.17
N VAL A 86 -0.30 -15.45 14.50
CA VAL A 86 1.05 -15.01 14.15
C VAL A 86 1.85 -14.91 15.44
N GLU A 87 3.04 -15.51 15.45
CA GLU A 87 3.95 -15.39 16.58
C GLU A 87 5.22 -14.68 16.13
N ILE A 88 5.68 -13.73 16.95
CA ILE A 88 6.95 -13.05 16.76
C ILE A 88 7.80 -13.29 18.00
N TYR A 89 9.01 -13.79 17.81
CA TYR A 89 9.94 -14.04 18.89
C TYR A 89 11.29 -13.42 18.54
N SER A 90 11.95 -12.83 19.54
CA SER A 90 13.23 -12.16 19.33
C SER A 90 14.36 -12.84 20.10
N ASP A 91 15.49 -13.03 19.43
CA ASP A 91 16.73 -13.41 20.12
C ASP A 91 17.77 -12.31 19.92
N GLN A 92 19.05 -12.61 20.16
CA GLN A 92 20.08 -11.57 20.02
C GLN A 92 20.25 -11.12 18.58
N ASP A 93 19.83 -11.92 17.60
CA ASP A 93 20.13 -11.62 16.19
C ASP A 93 18.92 -11.29 15.33
N TYR A 94 17.75 -11.87 15.60
CA TYR A 94 16.63 -11.77 14.68
C TYR A 94 15.31 -11.60 15.42
N PHE A 95 14.34 -11.03 14.72
CA PHE A 95 12.93 -11.31 14.96
C PHE A 95 12.57 -12.53 14.11
N HIS A 96 11.95 -13.52 14.74
CA HIS A 96 11.50 -14.73 14.05
C HIS A 96 9.98 -14.71 13.99
N ILE A 97 9.43 -14.91 12.80
CA ILE A 97 7.99 -14.77 12.56
C ILE A 97 7.42 -16.12 12.14
N PHE A 98 6.31 -16.52 12.77
CA PHE A 98 5.65 -17.78 12.50
C PHE A 98 4.17 -17.54 12.22
N ILE A 99 3.57 -18.41 11.41
CA ILE A 99 2.13 -18.47 11.23
C ILE A 99 1.73 -19.92 11.48
N ASP A 100 0.72 -20.13 12.33
CA ASP A 100 0.35 -21.50 12.73
C ASP A 100 1.58 -22.27 13.21
N GLU A 101 2.44 -21.57 13.96
CA GLU A 101 3.66 -22.14 14.55
C GLU A 101 4.69 -22.59 13.52
N ASN A 102 4.50 -22.25 12.25
CA ASN A 102 5.47 -22.56 11.19
C ASN A 102 6.22 -21.30 10.81
N LYS A 103 7.55 -21.38 10.87
CA LYS A 103 8.36 -20.20 10.61
C LYS A 103 8.17 -19.68 9.18
N ILE A 104 7.89 -18.38 9.07
CA ILE A 104 7.74 -17.68 7.80
C ILE A 104 9.03 -17.01 7.37
N LEU A 105 9.63 -16.26 8.28
CA LEU A 105 10.76 -15.41 7.95
C LEU A 105 11.51 -15.06 9.21
N GLN A 106 12.72 -14.58 9.03
CA GLN A 106 13.47 -13.94 10.10
C GLN A 106 13.94 -12.59 9.60
N TYR A 107 14.00 -11.64 10.52
CA TYR A 107 14.39 -10.27 10.21
C TYR A 107 15.54 -9.90 11.13
N LYS A 108 16.69 -9.60 10.54
CA LYS A 108 17.88 -9.27 11.33
C LYS A 108 17.69 -7.93 12.02
N HIS A 109 18.03 -7.88 13.31
CA HIS A 109 17.90 -6.62 14.04
C HIS A 109 18.70 -5.53 13.36
N ARG A 110 18.05 -4.41 13.09
CA ARG A 110 18.75 -3.19 12.69
C ARG A 110 18.91 -2.22 13.85
N GLN A 111 17.88 -2.09 14.67
CA GLN A 111 17.98 -1.40 15.96
C GLN A 111 18.67 -2.31 16.95
N LYS A 112 19.89 -1.96 17.36
CA LYS A 112 20.65 -2.80 18.27
C LYS A 112 20.29 -2.60 19.73
N GLN A 113 19.55 -1.54 20.06
CA GLN A 113 19.16 -1.27 21.44
C GLN A 113 17.88 -2.07 21.76
N LEU A 114 18.04 -3.39 21.77
CA LEU A 114 16.90 -4.27 21.95
C LEU A 114 16.14 -3.98 23.24
N SER A 115 16.88 -3.72 24.33
CA SER A 115 16.24 -3.43 25.62
CA SER A 115 16.23 -3.44 25.61
C SER A 115 15.36 -2.19 25.57
N SER A 116 15.57 -1.31 24.61
CA SER A 116 14.73 -0.11 24.52
C SER A 116 13.43 -0.36 23.78
N ILE A 117 13.23 -1.55 23.21
CA ILE A 117 11.97 -1.88 22.56
C ILE A 117 10.96 -2.23 23.65
N THR A 118 10.09 -1.28 23.97
CA THR A 118 9.15 -1.42 25.09
C THR A 118 7.69 -1.44 24.65
N LYS A 119 7.40 -1.26 23.37
CA LYS A 119 6.01 -1.17 22.95
C LYS A 119 5.74 -2.06 21.76
N LEU A 120 4.55 -2.65 21.79
CA LEU A 120 4.03 -3.46 20.69
C LEU A 120 2.78 -2.74 20.19
N GLN A 121 2.72 -2.49 18.89
CA GLN A 121 1.63 -1.72 18.30
C GLN A 121 1.05 -2.46 17.11
N ILE A 122 -0.28 -2.50 17.03
CA ILE A 122 -1.00 -3.21 15.98
C ILE A 122 -1.98 -2.24 15.33
N LEU A 123 -1.86 -2.05 14.02
CA LEU A 123 -2.59 -1.03 13.29
C LEU A 123 -3.34 -1.63 12.11
N ASN A 124 -4.44 -0.97 11.77
CA ASN A 124 -5.17 -1.16 10.51
C ASN A 124 -6.03 -2.42 10.47
N ASP A 125 -6.07 -3.13 9.35
CA ASP A 125 -7.17 -4.09 9.13
C ASP A 125 -6.90 -5.44 9.77
N ILE A 126 -7.09 -5.49 11.09
CA ILE A 126 -7.05 -6.75 11.82
C ILE A 126 -8.09 -6.67 12.94
N GLU A 127 -9.01 -7.62 12.96
CA GLU A 127 -9.97 -7.79 14.06
CA GLU A 127 -9.97 -7.79 14.06
C GLU A 127 -9.32 -8.75 15.05
N ILE A 128 -8.77 -8.20 16.10
CA ILE A 128 -7.98 -8.99 17.05
C ILE A 128 -8.90 -9.84 17.90
N SER A 129 -8.53 -11.12 18.08
CA SER A 129 -9.19 -11.96 19.07
C SER A 129 -8.31 -12.30 20.26
N SER A 130 -6.99 -12.16 20.15
CA SER A 130 -6.09 -12.46 21.26
C SER A 130 -4.74 -11.79 21.03
N VAL A 131 -4.15 -11.27 22.10
CA VAL A 131 -2.75 -10.89 22.13
C VAL A 131 -2.12 -11.51 23.37
N GLU A 132 -1.04 -12.25 23.17
CA GLU A 132 -0.27 -12.84 24.26
C GLU A 132 1.17 -12.37 24.16
N ILE A 133 1.69 -11.89 25.28
CA ILE A 133 3.07 -11.43 25.39
C ILE A 133 3.70 -12.21 26.53
N THR A 134 4.73 -13.00 26.21
CA THR A 134 5.25 -14.00 27.14
C THR A 134 6.76 -14.00 27.14
N LYS A 135 7.35 -13.98 28.34
CA LYS A 135 8.80 -14.01 28.50
C LYS A 135 9.31 -15.43 28.36
N ARG A 136 10.35 -15.61 27.54
CA ARG A 136 10.93 -16.93 27.39
C ARG A 136 11.72 -17.31 28.64
N GLY A 137 11.38 -18.43 29.26
CA GLY A 137 11.90 -18.75 30.57
C GLY A 137 13.40 -18.98 30.62
N LEU A 138 13.94 -19.75 29.67
CA LEU A 138 15.34 -20.12 29.66
C LEU A 138 15.99 -19.50 28.43
N TYR A 139 16.37 -18.23 28.55
CA TYR A 139 16.84 -17.47 27.41
C TYR A 139 18.33 -17.65 27.15
N ALA B 2 7.29 16.06 -12.00
CA ALA B 2 8.03 15.76 -13.23
C ALA B 2 7.16 14.99 -14.21
N LEU B 3 6.97 15.54 -15.40
CA LEU B 3 6.20 14.86 -16.43
C LEU B 3 7.01 13.69 -16.97
N ARG B 4 6.44 12.48 -16.91
CA ARG B 4 7.08 11.30 -17.45
CA ARG B 4 7.08 11.29 -17.45
C ARG B 4 6.54 10.88 -18.81
N PHE B 5 5.27 11.13 -19.09
CA PHE B 5 4.68 10.74 -20.37
C PHE B 5 3.42 11.55 -20.60
N GLU B 6 3.19 11.93 -21.85
CA GLU B 6 1.93 12.55 -22.21
C GLU B 6 1.51 12.08 -23.59
N ALA B 7 0.23 11.79 -23.74
CA ALA B 7 -0.32 11.45 -25.05
C ALA B 7 -1.47 12.37 -25.39
N LEU B 8 -1.56 12.75 -26.65
CA LEU B 8 -2.62 13.63 -27.13
C LEU B 8 -3.33 12.95 -28.28
N TYR B 9 -4.66 12.83 -28.17
CA TYR B 9 -5.51 12.21 -29.18
C TYR B 9 -6.68 13.16 -29.42
N PRO B 10 -6.57 14.07 -30.39
CA PRO B 10 -7.56 15.16 -30.50
C PRO B 10 -8.98 14.73 -30.75
N GLU B 11 -9.22 13.53 -31.29
CA GLU B 11 -10.57 13.07 -31.54
C GLU B 11 -11.27 12.63 -30.25
N GLY B 12 -10.54 12.51 -29.15
CA GLY B 12 -11.13 12.17 -27.86
C GLY B 12 -10.89 10.73 -27.49
N MET B 13 -10.29 10.48 -26.32
CA MET B 13 -9.99 9.12 -25.89
C MET B 13 -10.95 8.61 -24.82
N CYS B 14 -12.13 9.24 -24.67
CA CYS B 14 -13.15 8.81 -23.74
CA CYS B 14 -13.15 8.83 -23.73
C CYS B 14 -14.50 9.03 -24.39
N PRO B 15 -15.47 8.14 -24.17
CA PRO B 15 -15.29 6.85 -23.51
C PRO B 15 -14.73 5.87 -24.53
N GLY B 16 -14.64 4.59 -24.17
CA GLY B 16 -14.38 3.58 -25.18
C GLY B 16 -12.93 3.31 -25.50
N TRP B 17 -11.99 3.84 -24.73
CA TRP B 17 -10.58 3.52 -24.93
C TRP B 17 -9.98 2.94 -23.66
N SER B 18 -9.17 1.91 -23.83
CA SER B 18 -8.41 1.34 -22.74
CA SER B 18 -8.40 1.33 -22.74
C SER B 18 -6.99 1.93 -22.73
N VAL B 19 -6.50 2.20 -21.54
CA VAL B 19 -5.15 2.72 -21.34
C VAL B 19 -4.45 1.77 -20.39
N VAL B 20 -3.36 1.19 -20.82
CA VAL B 20 -2.59 0.26 -20.00
C VAL B 20 -1.21 0.88 -19.78
N VAL B 21 -0.86 1.05 -18.51
CA VAL B 21 0.43 1.61 -18.11
C VAL B 21 1.17 0.54 -17.31
N LYS B 22 2.36 0.19 -17.76
CA LYS B 22 3.23 -0.74 -17.05
C LYS B 22 4.48 0.01 -16.60
N GLY B 23 4.93 -0.29 -15.39
CA GLY B 23 6.15 0.31 -14.89
C GLY B 23 6.35 -0.05 -13.43
N LYS B 24 7.24 0.69 -12.77
CA LYS B 24 7.51 0.47 -11.36
C LYS B 24 7.92 1.80 -10.74
N THR B 25 7.77 1.87 -9.43
CA THR B 25 8.05 3.07 -8.64
C THR B 25 9.33 2.83 -7.84
N SER B 26 10.24 3.81 -7.89
CA SER B 26 11.56 3.62 -7.31
C SER B 26 11.54 3.67 -5.79
N SER B 27 10.71 4.55 -5.23
CA SER B 27 10.75 4.87 -3.82
C SER B 27 9.51 4.37 -3.09
N ASN B 28 9.71 3.81 -1.89
CA ASN B 28 8.59 3.37 -1.07
C ASN B 28 7.91 4.50 -0.33
N THR B 29 8.34 5.74 -0.54
CA THR B 29 7.72 6.88 0.10
C THR B 29 7.19 7.90 -0.89
N SER B 30 7.27 7.63 -2.19
CA SER B 30 6.84 8.63 -3.15
C SER B 30 5.45 8.34 -3.71
N MET B 31 5.18 8.85 -4.90
CA MET B 31 3.84 8.75 -5.46
CA MET B 31 3.83 8.77 -5.46
C MET B 31 3.93 9.03 -6.95
N PHE B 32 2.91 8.62 -7.69
CA PHE B 32 2.79 8.95 -9.10
C PHE B 32 1.32 9.24 -9.39
N GLU B 33 1.08 9.82 -10.55
CA GLU B 33 -0.30 10.05 -10.95
C GLU B 33 -0.50 9.84 -12.43
N ILE B 34 -1.72 9.45 -12.78
CA ILE B 34 -2.17 9.35 -14.16
C ILE B 34 -3.38 10.25 -14.28
N ASN B 35 -3.30 11.24 -15.16
CA ASN B 35 -4.36 12.23 -15.32
C ASN B 35 -4.91 12.19 -16.74
N PHE B 36 -6.23 12.32 -16.83
CA PHE B 36 -6.97 12.45 -18.08
C PHE B 36 -7.44 13.89 -18.15
N LEU B 37 -7.02 14.62 -19.17
CA LEU B 37 -7.29 16.05 -19.23
C LEU B 37 -8.20 16.40 -20.39
N SER B 38 -9.04 17.41 -20.19
CA SER B 38 -10.00 17.84 -21.20
C SER B 38 -9.62 19.21 -21.76
N HIS B 39 -9.99 19.42 -23.02
CA HIS B 39 -9.84 20.68 -23.72
C HIS B 39 -11.20 21.37 -23.81
N PRO B 40 -11.25 22.69 -23.67
CA PRO B 40 -10.06 23.55 -23.46
C PRO B 40 -9.71 23.67 -21.98
N GLY B 41 -8.56 24.25 -21.69
CA GLY B 41 -8.22 24.61 -20.33
C GLY B 41 -7.48 23.55 -19.55
N ASP B 42 -7.21 22.38 -20.14
CA ASP B 42 -6.46 21.33 -19.47
C ASP B 42 -7.03 21.00 -18.09
N GLN B 43 -8.35 20.96 -18.00
CA GLN B 43 -9.03 20.50 -16.79
C GLN B 43 -8.74 19.02 -16.59
N ILE B 44 -8.63 18.60 -15.34
CA ILE B 44 -8.36 17.19 -15.05
C ILE B 44 -9.69 16.48 -14.81
N ALA B 45 -10.14 15.74 -15.82
CA ALA B 45 -11.37 14.96 -15.70
C ALA B 45 -11.19 13.84 -14.67
N PHE B 46 -10.03 13.20 -14.67
CA PHE B 46 -9.79 12.09 -13.76
C PHE B 46 -8.31 12.07 -13.38
N HIS B 47 -8.06 12.11 -12.08
CA HIS B 47 -6.73 12.11 -11.47
C HIS B 47 -6.65 10.86 -10.62
N PHE B 48 -5.69 9.98 -10.96
CA PHE B 48 -5.52 8.68 -10.31
C PHE B 48 -4.13 8.71 -9.69
N ASN B 49 -4.06 8.68 -8.35
CA ASN B 49 -2.84 9.06 -7.63
C ASN B 49 -2.52 8.05 -6.54
N PRO B 50 -1.77 7.00 -6.86
CA PRO B 50 -1.25 6.11 -5.81
C PRO B 50 -0.20 6.81 -4.97
N ARG B 51 -0.41 6.78 -3.64
CA ARG B 51 0.49 7.40 -2.66
C ARG B 51 1.11 6.29 -1.82
N PHE B 52 2.41 6.04 -2.03
CA PHE B 52 3.08 4.92 -1.41
C PHE B 52 3.37 5.15 0.07
N ALA B 53 3.56 6.40 0.48
CA ALA B 53 3.83 6.66 1.89
C ALA B 53 2.66 6.26 2.78
N SER B 54 1.43 6.46 2.30
CA SER B 54 0.25 6.15 3.08
C SER B 54 -0.49 4.91 2.57
N SER B 55 -0.02 4.31 1.48
CA SER B 55 -0.65 3.13 0.88
C SER B 55 -2.13 3.37 0.58
N ARG B 56 -2.40 4.48 -0.09
CA ARG B 56 -3.75 4.81 -0.52
C ARG B 56 -3.73 5.26 -1.97
N ILE B 57 -4.83 5.01 -2.67
CA ILE B 57 -5.06 5.61 -3.98
C ILE B 57 -6.01 6.77 -3.78
N VAL B 58 -5.60 7.97 -4.20
CA VAL B 58 -6.47 9.14 -4.17
C VAL B 58 -6.92 9.43 -5.59
N CYS B 59 -8.23 9.59 -5.78
CA CYS B 59 -8.81 10.01 -7.05
C CYS B 59 -9.60 11.30 -6.86
N ASN B 60 -9.57 12.17 -7.87
CA ASN B 60 -10.28 13.44 -7.83
C ASN B 60 -10.36 13.99 -9.25
N SER B 61 -10.97 15.17 -9.39
CA SER B 61 -11.01 15.90 -10.65
C SER B 61 -10.70 17.35 -10.35
N PHE B 62 -10.06 18.01 -11.31
CA PHE B 62 -9.63 19.41 -11.20
C PHE B 62 -10.41 20.18 -12.26
N LEU B 63 -11.57 20.69 -11.85
CA LEU B 63 -12.53 21.33 -12.74
C LEU B 63 -12.81 22.70 -12.18
N ALA B 64 -13.00 23.68 -13.06
CA ALA B 64 -13.24 25.06 -12.65
C ALA B 64 -12.10 25.59 -11.81
N ASN B 65 -10.90 25.09 -12.08
CA ASN B 65 -9.65 25.50 -11.47
C ASN B 65 -9.51 25.10 -10.01
N HIS B 66 -10.21 24.07 -9.55
CA HIS B 66 -10.00 23.59 -8.19
C HIS B 66 -10.31 22.10 -8.12
N TRP B 67 -9.78 21.45 -7.09
CA TRP B 67 -10.13 20.07 -6.83
C TRP B 67 -11.52 19.95 -6.23
N GLY B 68 -12.15 18.80 -6.45
CA GLY B 68 -13.40 18.47 -5.82
C GLY B 68 -13.19 17.60 -4.60
N LYS B 69 -14.20 16.78 -4.29
CA LYS B 69 -14.08 15.87 -3.16
C LYS B 69 -13.16 14.72 -3.53
N GLU B 70 -12.20 14.41 -2.65
CA GLU B 70 -11.32 13.27 -2.86
C GLU B 70 -12.07 11.97 -2.65
N GLU B 71 -11.86 11.02 -3.54
CA GLU B 71 -12.27 9.65 -3.35
C GLU B 71 -11.03 8.82 -3.03
N VAL B 72 -10.96 8.33 -1.81
CA VAL B 72 -9.77 7.64 -1.29
C VAL B 72 -10.07 6.16 -1.24
N ASN B 73 -9.18 5.35 -1.82
CA ASN B 73 -9.35 3.90 -1.82
C ASN B 73 -8.23 3.26 -1.03
N LYS B 74 -8.59 2.34 -0.13
CA LYS B 74 -7.61 1.65 0.69
C LYS B 74 -7.04 0.40 0.01
N THR B 75 -7.61 -0.04 -1.11
CA THR B 75 -7.03 -1.14 -1.86
C THR B 75 -5.79 -0.63 -2.57
N PHE B 76 -4.62 -1.13 -2.16
CA PHE B 76 -3.35 -0.60 -2.63
C PHE B 76 -2.48 -1.73 -3.16
N PRO B 77 -2.69 -2.15 -4.41
CA PRO B 77 -1.94 -3.29 -4.97
C PRO B 77 -0.63 -2.84 -5.63
N PHE B 78 0.20 -2.15 -4.86
CA PHE B 78 1.49 -1.69 -5.35
C PHE B 78 2.53 -1.92 -4.27
N GLU B 79 3.73 -2.28 -4.69
CA GLU B 79 4.90 -2.31 -3.82
C GLU B 79 6.05 -1.64 -4.53
N ALA B 80 6.81 -0.86 -3.78
CA ALA B 80 7.95 -0.14 -4.35
C ALA B 80 8.88 -1.12 -5.06
N LYS B 81 9.37 -0.69 -6.22
CA LYS B 81 10.33 -1.42 -7.04
C LYS B 81 9.78 -2.67 -7.69
N GLU B 82 8.51 -2.99 -7.53
CA GLU B 82 7.95 -4.17 -8.17
C GLU B 82 7.11 -3.77 -9.37
N PRO B 83 7.31 -4.38 -10.53
CA PRO B 83 6.52 -4.00 -11.70
C PRO B 83 5.03 -4.19 -11.48
N PHE B 84 4.25 -3.27 -12.04
CA PHE B 84 2.81 -3.30 -11.97
C PHE B 84 2.23 -3.00 -13.34
N GLN B 85 0.93 -3.26 -13.48
CA GLN B 85 0.18 -2.95 -14.67
C GLN B 85 -1.13 -2.31 -14.24
N VAL B 86 -1.37 -1.08 -14.68
CA VAL B 86 -2.61 -0.37 -14.42
C VAL B 86 -3.38 -0.27 -15.72
N GLU B 87 -4.61 -0.78 -15.72
CA GLU B 87 -5.47 -0.65 -16.88
C GLU B 87 -6.67 0.23 -16.54
N ILE B 88 -6.92 1.22 -17.38
CA ILE B 88 -7.99 2.19 -17.17
C ILE B 88 -8.89 2.14 -18.40
N TYR B 89 -10.19 2.07 -18.17
CA TYR B 89 -11.15 2.12 -19.25
C TYR B 89 -12.29 3.01 -18.81
N SER B 90 -12.90 3.72 -19.74
CA SER B 90 -14.06 4.53 -19.43
C SER B 90 -15.25 4.08 -20.27
N ASP B 91 -16.41 3.95 -19.61
CA ASP B 91 -17.66 3.79 -20.32
C ASP B 91 -18.47 5.10 -20.21
N GLN B 92 -19.77 5.02 -20.48
CA GLN B 92 -20.60 6.22 -20.46
C GLN B 92 -20.66 6.87 -19.07
N ASP B 93 -20.37 6.11 -18.01
CA ASP B 93 -20.67 6.57 -16.66
C ASP B 93 -19.48 6.58 -15.71
N TYR B 94 -18.45 5.76 -15.93
CA TYR B 94 -17.34 5.66 -14.99
C TYR B 94 -16.02 5.49 -15.73
N PHE B 95 -14.95 5.86 -15.03
CA PHE B 95 -13.63 5.27 -15.24
C PHE B 95 -13.51 4.02 -14.37
N HIS B 96 -12.97 2.94 -14.95
CA HIS B 96 -12.76 1.68 -14.25
C HIS B 96 -11.26 1.42 -14.18
N ILE B 97 -10.78 1.04 -13.00
CA ILE B 97 -9.37 0.77 -12.76
C ILE B 97 -9.20 -0.71 -12.46
N PHE B 98 -8.32 -1.38 -13.22
CA PHE B 98 -7.88 -2.74 -12.96
C PHE B 98 -6.37 -2.73 -12.74
N ILE B 99 -5.91 -3.35 -11.67
CA ILE B 99 -4.49 -3.40 -11.36
C ILE B 99 -4.07 -4.85 -11.23
N ASP B 100 -2.99 -5.22 -11.94
CA ASP B 100 -2.54 -6.59 -12.03
C ASP B 100 -3.72 -7.52 -12.26
N GLU B 101 -4.60 -7.10 -13.18
CA GLU B 101 -5.74 -7.84 -13.74
C GLU B 101 -6.95 -7.96 -12.81
N ASN B 102 -6.95 -7.32 -11.65
CA ASN B 102 -8.06 -7.36 -10.72
C ASN B 102 -8.73 -6.00 -10.67
N LYS B 103 -10.07 -5.99 -10.60
CA LYS B 103 -10.78 -4.72 -10.51
C LYS B 103 -10.54 -4.07 -9.15
N ILE B 104 -10.22 -2.78 -9.16
CA ILE B 104 -9.84 -2.04 -7.96
C ILE B 104 -10.90 -1.01 -7.57
N LEU B 105 -11.28 -0.15 -8.50
CA LEU B 105 -12.24 0.89 -8.17
C LEU B 105 -12.90 1.37 -9.46
N GLN B 106 -14.00 2.07 -9.29
CA GLN B 106 -14.59 2.85 -10.37
C GLN B 106 -14.78 4.27 -9.86
N TYR B 107 -14.69 5.22 -10.79
CA TYR B 107 -14.80 6.64 -10.48
C TYR B 107 -15.85 7.23 -11.40
N LYS B 108 -16.92 7.77 -10.81
CA LYS B 108 -18.03 8.29 -11.61
C LYS B 108 -17.61 9.60 -12.29
N HIS B 109 -18.02 9.75 -13.54
CA HIS B 109 -17.64 10.94 -14.30
C HIS B 109 -18.19 12.19 -13.64
N ARG B 110 -17.33 13.19 -13.46
CA ARG B 110 -17.78 14.53 -13.10
C ARG B 110 -17.77 15.46 -14.29
N GLN B 111 -16.75 15.35 -15.12
CA GLN B 111 -16.70 15.99 -16.43
C GLN B 111 -17.52 15.14 -17.39
N LYS B 112 -18.66 15.66 -17.84
CA LYS B 112 -19.54 14.91 -18.72
C LYS B 112 -19.14 14.99 -20.20
N GLN B 113 -18.33 15.97 -20.58
CA GLN B 113 -17.86 16.09 -21.96
CA GLN B 113 -17.86 16.10 -21.95
C GLN B 113 -16.72 15.11 -22.18
N LEU B 114 -17.09 13.82 -22.22
CA LEU B 114 -16.07 12.77 -22.31
C LEU B 114 -15.24 12.90 -23.57
N SER B 115 -15.86 13.28 -24.69
CA SER B 115 -15.13 13.35 -25.96
C SER B 115 -14.10 14.47 -26.00
N SER B 116 -14.17 15.42 -25.05
CA SER B 116 -13.18 16.47 -24.95
C SER B 116 -11.95 16.04 -24.17
N ILE B 117 -11.95 14.82 -23.65
CA ILE B 117 -10.81 14.28 -22.91
C ILE B 117 -9.82 13.77 -23.95
N THR B 118 -8.80 14.57 -24.22
CA THR B 118 -7.86 14.31 -25.31
C THR B 118 -6.44 14.03 -24.87
N LYS B 119 -6.12 14.20 -23.59
CA LYS B 119 -4.75 14.09 -23.12
C LYS B 119 -4.65 13.11 -21.97
N LEU B 120 -3.59 12.32 -22.01
CA LEU B 120 -3.22 11.42 -20.93
C LEU B 120 -1.87 11.91 -20.42
N GLN B 121 -1.76 12.12 -19.13
CA GLN B 121 -0.52 12.63 -18.56
C GLN B 121 -0.12 11.77 -17.36
N ILE B 122 1.16 11.38 -17.31
CA ILE B 122 1.70 10.52 -16.25
C ILE B 122 2.83 11.28 -15.58
N LEU B 123 2.72 11.51 -14.27
CA LEU B 123 3.67 12.35 -13.55
C LEU B 123 4.33 11.62 -12.40
N ASN B 124 5.58 12.03 -12.13
CA ASN B 124 6.27 11.75 -10.86
C ASN B 124 6.89 10.35 -10.79
N ASP B 125 6.76 9.65 -9.66
CA ASP B 125 7.63 8.51 -9.41
C ASP B 125 7.08 7.24 -10.05
N ILE B 126 7.29 7.14 -11.35
CA ILE B 126 6.99 5.92 -12.09
C ILE B 126 7.99 5.80 -13.23
N GLU B 127 8.67 4.66 -13.29
CA GLU B 127 9.58 4.31 -14.36
C GLU B 127 8.76 3.50 -15.35
N ILE B 128 8.39 4.12 -16.47
CA ILE B 128 7.43 3.53 -17.39
C ILE B 128 8.13 2.51 -18.26
N SER B 129 7.56 1.30 -18.37
CA SER B 129 8.04 0.36 -19.36
C SER B 129 7.14 0.28 -20.59
N SER B 130 5.86 0.66 -20.48
CA SER B 130 4.95 0.58 -21.61
C SER B 130 3.72 1.42 -21.35
N VAL B 131 3.23 2.07 -22.40
CA VAL B 131 1.91 2.69 -22.41
C VAL B 131 1.20 2.23 -23.67
N GLU B 132 -0.01 1.72 -23.52
CA GLU B 132 -0.82 1.25 -24.63
C GLU B 132 -2.19 1.91 -24.56
N ILE B 133 -2.64 2.50 -25.66
CA ILE B 133 -3.92 3.17 -25.73
C ILE B 133 -4.68 2.54 -26.90
N THR B 134 -5.83 1.93 -26.62
CA THR B 134 -6.52 1.08 -27.60
C THR B 134 -8.01 1.30 -27.59
N LYS B 135 -8.60 1.41 -28.78
CA LYS B 135 -10.02 1.63 -28.92
C LYS B 135 -10.78 0.32 -28.73
N ARG B 136 -11.72 0.32 -27.80
CA ARG B 136 -12.51 -0.88 -27.46
C ARG B 136 -14.01 -0.72 -27.61
N GLY B 137 -14.53 0.50 -27.62
CA GLY B 137 -15.97 0.74 -27.67
C GLY B 137 -16.55 0.68 -29.06
N LEU B 138 -16.80 -0.53 -29.55
CA LEU B 138 -17.19 -0.77 -30.93
C LEU B 138 -18.34 -1.77 -31.00
#